data_2H05
# 
_entry.id   2H05 
# 
_audit_conform.dict_name       mmcif_pdbx.dic 
_audit_conform.dict_version    5.377 
_audit_conform.dict_location   http://mmcif.pdb.org/dictionaries/ascii/mmcif_pdbx.dic 
# 
loop_
_database_2.database_id 
_database_2.database_code 
_database_2.pdbx_database_accession 
_database_2.pdbx_DOI 
PDB   2H05         pdb_00002h05 10.2210/pdb2h05/pdb 
NDB   AD0064       ?            ?                   
RCSB  RCSB037763   ?            ?                   
WWPDB D_1000037763 ?            ?                   
# 
loop_
_pdbx_database_related.db_name 
_pdbx_database_related.db_id 
_pdbx_database_related.details 
_pdbx_database_related.content_type 
PDB 1Z7I . unspecified 
PDB 2DLJ . unspecified 
PDB 2GPX . unspecified 
# 
_pdbx_database_status.status_code                     REL 
_pdbx_database_status.entry_id                        2H05 
_pdbx_database_status.recvd_initial_deposition_date   2006-05-14 
_pdbx_database_status.deposit_site                    RCSB 
_pdbx_database_status.process_site                    RCSB 
_pdbx_database_status.status_code_sf                  REL 
_pdbx_database_status.status_code_mr                  ? 
_pdbx_database_status.SG_entry                        ? 
_pdbx_database_status.pdb_format_compatible           Y 
_pdbx_database_status.status_code_cs                  ? 
_pdbx_database_status.status_code_nmr_data            ? 
_pdbx_database_status.methods_development_category    ? 
# 
loop_
_audit_author.name 
_audit_author.pdbx_ordinal 
'Jiang, J.' 1 
'Sheng, J.' 2 
'Huang, Z.' 3 
# 
_citation.id                        primary 
_citation.title                     'Selenium derivatization of nucleic acids for crystallography.' 
_citation.journal_abbrev            'Nucleic Acids Res.' 
_citation.journal_volume            35 
_citation.page_first                477 
_citation.page_last                 485 
_citation.year                      2007 
_citation.journal_id_ASTM           NARHAD 
_citation.country                   UK 
_citation.journal_id_ISSN           0305-1048 
_citation.journal_id_CSD            0389 
_citation.book_publisher            ? 
_citation.pdbx_database_id_PubMed   17169989 
_citation.pdbx_database_id_DOI      10.1093/nar/gkl1070 
# 
loop_
_citation_author.citation_id 
_citation_author.name 
_citation_author.ordinal 
_citation_author.identifier_ORCID 
primary 'Jiang, J.'    1 ? 
primary 'Sheng, J.'    2 ? 
primary 'Carrasco, N.' 3 ? 
primary 'Huang, Z.'    4 ? 
# 
_cell.entry_id           2H05 
_cell.length_a           42.048 
_cell.length_b           42.048 
_cell.length_c           24.270 
_cell.angle_alpha        90.00 
_cell.angle_beta         90.00 
_cell.angle_gamma        90.00 
_cell.Z_PDB              8 
_cell.pdbx_unique_axis   ? 
_cell.length_a_esd       ? 
_cell.length_b_esd       ? 
_cell.length_c_esd       ? 
_cell.angle_alpha_esd    ? 
_cell.angle_beta_esd     ? 
_cell.angle_gamma_esd    ? 
# 
_symmetry.entry_id                         2H05 
_symmetry.space_group_name_H-M             'P 43 21 2' 
_symmetry.pdbx_full_space_group_name_H-M   ? 
_symmetry.cell_setting                     ? 
_symmetry.Int_Tables_number                96 
_symmetry.space_group_name_Hall            ? 
# 
loop_
_entity.id 
_entity.type 
_entity.src_method 
_entity.pdbx_description 
_entity.formula_weight 
_entity.pdbx_number_of_molecules 
_entity.pdbx_ec 
_entity.pdbx_mutation 
_entity.pdbx_fragment 
_entity.details 
1 polymer syn "5'-D(*GP*TP*GP*(BRU)P*AP*CP*AP*C)-3'" 2491.487 1  ? '5-BROMO-Modified T4, BRU' ? ? 
2 water   nat water                                  18.015   33 ? ?                          ? ? 
# 
_entity_poly.entity_id                      1 
_entity_poly.type                           polydeoxyribonucleotide 
_entity_poly.nstd_linkage                   no 
_entity_poly.nstd_monomer                   yes 
_entity_poly.pdbx_seq_one_letter_code       '(DG)(DT)(DG)(BRU)(DA)(DC)(DA)(DC)' 
_entity_poly.pdbx_seq_one_letter_code_can   GTGUACAC 
_entity_poly.pdbx_strand_id                 A 
_entity_poly.pdbx_target_identifier         ? 
# 
loop_
_entity_poly_seq.entity_id 
_entity_poly_seq.num 
_entity_poly_seq.mon_id 
_entity_poly_seq.hetero 
1 1 DG  n 
1 2 DT  n 
1 3 DG  n 
1 4 BRU n 
1 5 DA  n 
1 6 DC  n 
1 7 DA  n 
1 8 DC  n 
# 
_pdbx_entity_src_syn.entity_id              1 
_pdbx_entity_src_syn.pdbx_src_id            1 
_pdbx_entity_src_syn.pdbx_alt_source_flag   sample 
_pdbx_entity_src_syn.pdbx_beg_seq_num       ? 
_pdbx_entity_src_syn.pdbx_end_seq_num       ? 
_pdbx_entity_src_syn.organism_scientific    ? 
_pdbx_entity_src_syn.organism_common_name   ? 
_pdbx_entity_src_syn.ncbi_taxonomy_id       ? 
_pdbx_entity_src_syn.details                'Solid Phase Synthesis via Phosphoramidite Chemistry' 
# 
_struct_ref.id                         1 
_struct_ref.entity_id                  1 
_struct_ref.db_name                    PDB 
_struct_ref.db_code                    2H05 
_struct_ref.pdbx_db_accession          2H05 
_struct_ref.pdbx_db_isoform            ? 
_struct_ref.pdbx_seq_one_letter_code   ? 
_struct_ref.pdbx_align_begin           ? 
# 
_struct_ref_seq.align_id                      1 
_struct_ref_seq.ref_id                        1 
_struct_ref_seq.pdbx_PDB_id_code              2H05 
_struct_ref_seq.pdbx_strand_id                A 
_struct_ref_seq.seq_align_beg                 1 
_struct_ref_seq.pdbx_seq_align_beg_ins_code   ? 
_struct_ref_seq.seq_align_end                 8 
_struct_ref_seq.pdbx_seq_align_end_ins_code   ? 
_struct_ref_seq.pdbx_db_accession             2H05 
_struct_ref_seq.db_align_beg                  1 
_struct_ref_seq.pdbx_db_align_beg_ins_code    ? 
_struct_ref_seq.db_align_end                  8 
_struct_ref_seq.pdbx_db_align_end_ins_code    ? 
_struct_ref_seq.pdbx_auth_seq_align_beg       1 
_struct_ref_seq.pdbx_auth_seq_align_end       8 
# 
loop_
_chem_comp.id 
_chem_comp.type 
_chem_comp.mon_nstd_flag 
_chem_comp.name 
_chem_comp.pdbx_synonyms 
_chem_comp.formula 
_chem_comp.formula_weight 
BRU 'DNA linking' n "5-BROMO-2'-DEOXYURIDINE-5'-MONOPHOSPHATE" ? 'C9 H12 Br N2 O8 P' 387.078 
DA  'DNA linking' y "2'-DEOXYADENOSINE-5'-MONOPHOSPHATE"       ? 'C10 H14 N5 O6 P'   331.222 
DC  'DNA linking' y "2'-DEOXYCYTIDINE-5'-MONOPHOSPHATE"        ? 'C9 H14 N3 O7 P'    307.197 
DG  'DNA linking' y "2'-DEOXYGUANOSINE-5'-MONOPHOSPHATE"       ? 'C10 H14 N5 O7 P'   347.221 
DT  'DNA linking' y "THYMIDINE-5'-MONOPHOSPHATE"               ? 'C10 H15 N2 O8 P'   322.208 
HOH non-polymer   . WATER                                      ? 'H2 O'              18.015  
# 
_exptl.entry_id          2H05 
_exptl.method            'X-RAY DIFFRACTION' 
_exptl.crystals_number   1 
# 
_exptl_crystal.id                    1 
_exptl_crystal.density_meas          ? 
_exptl_crystal.density_Matthews      2.07 
_exptl_crystal.density_percent_sol   40.66 
_exptl_crystal.description           ? 
_exptl_crystal.F_000                 ? 
_exptl_crystal.preparation           ? 
# 
_exptl_crystal_grow.crystal_id      1 
_exptl_crystal_grow.method          'VAPOR DIFFUSION, HANGING DROP' 
_exptl_crystal_grow.temp            283 
_exptl_crystal_grow.temp_details    ? 
_exptl_crystal_grow.pH              6.0 
_exptl_crystal_grow.pdbx_details    '8mM MgCl2, 4mM Spermine, 40% MPD, pH 6.0, VAPOR DIFFUSION, HANGING DROP, temperature 283K' 
_exptl_crystal_grow.pdbx_pH_range   . 
# 
loop_
_exptl_crystal_grow_comp.crystal_id 
_exptl_crystal_grow_comp.id 
_exptl_crystal_grow_comp.sol_id 
_exptl_crystal_grow_comp.name 
_exptl_crystal_grow_comp.volume 
_exptl_crystal_grow_comp.conc 
_exptl_crystal_grow_comp.details 
1 1 1 MgCl2    ? ? ? 
1 2 1 Spermine ? ? ? 
1 3 1 MPD      ? ? ? 
1 4 1 H2O      ? ? ? 
1 5 2 MgCl2    ? ? ? 
1 6 2 Spermine ? ? ? 
1 7 2 MPD      ? ? ? 
# 
_diffrn.id                     1 
_diffrn.ambient_temp           100 
_diffrn.ambient_temp_details   ? 
_diffrn.crystal_id             1 
# 
_diffrn_detector.diffrn_id              1 
_diffrn_detector.detector               CCD 
_diffrn_detector.type                   'ADSC QUANTUM 210' 
_diffrn_detector.pdbx_collection_date   2006-05-06 
_diffrn_detector.details                ? 
# 
_diffrn_radiation.diffrn_id                        1 
_diffrn_radiation.wavelength_id                    1 
_diffrn_radiation.pdbx_monochromatic_or_laue_m_l   M 
_diffrn_radiation.monochromator                    Si 
_diffrn_radiation.pdbx_diffrn_protocol             MAD 
_diffrn_radiation.pdbx_scattering_type             x-ray 
# 
loop_
_diffrn_radiation_wavelength.id 
_diffrn_radiation_wavelength.wavelength 
_diffrn_radiation_wavelength.wt 
1 0.9199 1.0 
2 0.9202 1.0 
3 0.9400 1.0 
4 1.100  1.0 
# 
_diffrn_source.diffrn_id                   1 
_diffrn_source.source                      SYNCHROTRON 
_diffrn_source.type                        'NSLS BEAMLINE X12C' 
_diffrn_source.pdbx_synchrotron_site       NSLS 
_diffrn_source.pdbx_synchrotron_beamline   X12C 
_diffrn_source.pdbx_wavelength             ? 
_diffrn_source.pdbx_wavelength_list        '0.9199, 0.9202, 0.9400, 1.100' 
# 
_reflns.entry_id                     2H05 
_reflns.observed_criterion_sigma_I   -3 
_reflns.observed_criterion_sigma_F   0 
_reflns.d_resolution_low             18.81 
_reflns.d_resolution_high            1.8 
_reflns.number_obs                   2248 
_reflns.number_all                   2248 
_reflns.percent_possible_obs         99.4 
_reflns.pdbx_Rmerge_I_obs            0.045 
_reflns.pdbx_Rsym_value              ? 
_reflns.pdbx_netI_over_sigmaI        12.1 
_reflns.B_iso_Wilson_estimate        29.8 
_reflns.pdbx_redundancy              12.1 
_reflns.R_free_details               ? 
_reflns.pdbx_chi_squared             ? 
_reflns.pdbx_scaling_rejects         ? 
_reflns.pdbx_diffrn_id               1 
_reflns.pdbx_ordinal                 1 
# 
_reflns_shell.d_res_high             1.80 
_reflns_shell.d_res_low              1.86 
_reflns_shell.percent_possible_all   95.8 
_reflns_shell.Rmerge_I_obs           0.313 
_reflns_shell.pdbx_Rsym_value        ? 
_reflns_shell.meanI_over_sigI_obs    2.7 
_reflns_shell.pdbx_redundancy        7.1 
_reflns_shell.percent_possible_obs   ? 
_reflns_shell.number_unique_all      203 
_reflns_shell.number_measured_all    ? 
_reflns_shell.number_measured_obs    ? 
_reflns_shell.number_unique_obs      ? 
_reflns_shell.pdbx_chi_squared       ? 
_reflns_shell.pdbx_diffrn_id         ? 
_reflns_shell.pdbx_ordinal           1 
# 
_refine.entry_id                                 2H05 
_refine.ls_number_reflns_obs                     2036 
_refine.ls_number_reflns_all                     2036 
_refine.pdbx_ls_sigma_I                          ? 
_refine.pdbx_ls_sigma_F                          2.0 
_refine.pdbx_data_cutoff_high_absF               532897.43 
_refine.pdbx_data_cutoff_low_absF                0.000000 
_refine.pdbx_data_cutoff_high_rms_absF           ? 
_refine.ls_d_res_low                             18.81 
_refine.ls_d_res_high                            1.80 
_refine.ls_percent_reflns_obs                    91.1 
_refine.ls_R_factor_obs                          0.213 
_refine.ls_R_factor_all                          0.22 
_refine.ls_R_factor_R_work                       0.213 
_refine.ls_R_factor_R_free                       0.248 
_refine.ls_R_factor_R_free_error                 0.018 
_refine.ls_R_factor_R_free_error_details         ? 
_refine.ls_percent_reflns_R_free                 9.2 
_refine.ls_number_reflns_R_free                  188 
_refine.ls_number_parameters                     ? 
_refine.ls_number_restraints                     ? 
_refine.occupancy_min                            ? 
_refine.occupancy_max                            ? 
_refine.correlation_coeff_Fo_to_Fc               ? 
_refine.correlation_coeff_Fo_to_Fc_free          ? 
_refine.B_iso_mean                               32.5 
_refine.aniso_B[1][1]                            2.20 
_refine.aniso_B[2][2]                            2.20 
_refine.aniso_B[3][3]                            -4.41 
_refine.aniso_B[1][2]                            0.00 
_refine.aniso_B[1][3]                            0.00 
_refine.aniso_B[2][3]                            0.00 
_refine.solvent_model_details                    'FLAT MODEL' 
_refine.solvent_model_param_ksol                 0.32 
_refine.solvent_model_param_bsol                 41.4104 
_refine.pdbx_solvent_vdw_probe_radii             ? 
_refine.pdbx_solvent_ion_probe_radii             ? 
_refine.pdbx_solvent_shrinkage_radii             ? 
_refine.pdbx_ls_cross_valid_method               THROUGHOUT 
_refine.details                                  ? 
_refine.pdbx_starting_model                      'pdb entry 1Z7I' 
_refine.pdbx_method_to_determine_struct          'MAD, SAD' 
_refine.pdbx_isotropic_thermal_model             RESTRAINED 
_refine.pdbx_stereochemistry_target_values       DNA-RNA 
_refine.pdbx_stereochem_target_val_spec_case     ? 
_refine.pdbx_R_Free_selection_details            RANDOM 
_refine.pdbx_overall_ESU_R                       ? 
_refine.pdbx_overall_ESU_R_Free                  ? 
_refine.overall_SU_ML                            ? 
_refine.overall_SU_B                             ? 
_refine.ls_redundancy_reflns_obs                 ? 
_refine.overall_SU_R_Cruickshank_DPI             ? 
_refine.overall_SU_R_free                        ? 
_refine.ls_wR_factor_R_free                      ? 
_refine.ls_wR_factor_R_work                      ? 
_refine.overall_FOM_free_R_set                   ? 
_refine.overall_FOM_work_R_set                   ? 
_refine.pdbx_refine_id                           'X-RAY DIFFRACTION' 
_refine.pdbx_diffrn_id                           1 
_refine.pdbx_TLS_residual_ADP_flag               ? 
_refine.pdbx_overall_phase_error                 ? 
_refine.pdbx_overall_SU_R_free_Cruickshank_DPI   ? 
_refine.pdbx_overall_SU_R_Blow_DPI               ? 
_refine.pdbx_overall_SU_R_free_Blow_DPI          ? 
# 
_refine_analyze.entry_id                        2H05 
_refine_analyze.Luzzati_coordinate_error_obs    0.23 
_refine_analyze.Luzzati_sigma_a_obs             0.20 
_refine_analyze.Luzzati_d_res_low_obs           5.00 
_refine_analyze.Luzzati_coordinate_error_free   0.28 
_refine_analyze.Luzzati_sigma_a_free            0.20 
_refine_analyze.Luzzati_d_res_low_free          ? 
_refine_analyze.number_disordered_residues      ? 
_refine_analyze.occupancy_sum_hydrogen          ? 
_refine_analyze.occupancy_sum_non_hydrogen      ? 
_refine_analyze.pdbx_refine_id                  'X-RAY DIFFRACTION' 
# 
_refine_hist.pdbx_refine_id                   'X-RAY DIFFRACTION' 
_refine_hist.cycle_id                         LAST 
_refine_hist.pdbx_number_atoms_protein        0 
_refine_hist.pdbx_number_atoms_nucleic_acid   161 
_refine_hist.pdbx_number_atoms_ligand         0 
_refine_hist.number_atoms_solvent             33 
_refine_hist.number_atoms_total               194 
_refine_hist.d_res_high                       1.80 
_refine_hist.d_res_low                        18.81 
# 
loop_
_refine_ls_restr.type 
_refine_ls_restr.dev_ideal 
_refine_ls_restr.dev_ideal_target 
_refine_ls_restr.weight 
_refine_ls_restr.number 
_refine_ls_restr.pdbx_refine_id 
_refine_ls_restr.pdbx_restraint_function 
c_bond_d           0.009 ? ? ? 'X-RAY DIFFRACTION' ? 
c_angle_deg        1.9   ? ? ? 'X-RAY DIFFRACTION' ? 
c_dihedral_angle_d 28.3  ? ? ? 'X-RAY DIFFRACTION' ? 
c_improper_angle_d 2.16  ? ? ? 'X-RAY DIFFRACTION' ? 
# 
_refine_ls_shell.pdbx_total_number_of_bins_used   6 
_refine_ls_shell.d_res_high                       1.80 
_refine_ls_shell.d_res_low                        1.91 
_refine_ls_shell.number_reflns_R_work             247 
_refine_ls_shell.R_factor_R_work                  0.273 
_refine_ls_shell.percent_reflns_obs               75.8 
_refine_ls_shell.R_factor_R_free                  0.413 
_refine_ls_shell.R_factor_R_free_error            0.078 
_refine_ls_shell.percent_reflns_R_free            10.2 
_refine_ls_shell.number_reflns_R_free             28 
_refine_ls_shell.number_reflns_all                ? 
_refine_ls_shell.R_factor_all                     ? 
_refine_ls_shell.number_reflns_obs                247 
_refine_ls_shell.redundancy_reflns_obs            ? 
_refine_ls_shell.pdbx_refine_id                   'X-RAY DIFFRACTION' 
# 
loop_
_pdbx_xplor_file.serial_no 
_pdbx_xplor_file.param_file 
_pdbx_xplor_file.topol_file 
_pdbx_xplor_file.pdbx_refine_id 
1 protein_rep.param protein.top 'X-RAY DIFFRACTION' 
2 water_rep.param   dna-rna.top 'X-RAY DIFFRACTION' 
3 ion.param         water.top   'X-RAY DIFFRACTION' 
4 dna-rna_ums.par   ion.top     'X-RAY DIFFRACTION' 
# 
_struct.entry_id                  2H05 
_struct.title                     'Br Derivitation of A-DNA Octamer GTG(Ubr)ACAC' 
_struct.pdbx_model_details        ? 
_struct.pdbx_CASP_flag            ? 
_struct.pdbx_model_type_details   ? 
# 
_struct_keywords.entry_id        2H05 
_struct_keywords.pdbx_keywords   DNA 
_struct_keywords.text            'Br-DNA, Se-DNA, Se-Br-DNA, DNA' 
# 
loop_
_struct_asym.id 
_struct_asym.pdbx_blank_PDB_chainid_flag 
_struct_asym.pdbx_modified 
_struct_asym.entity_id 
_struct_asym.details 
A N N 1 ? 
B N N 2 ? 
# 
loop_
_struct_conn.id 
_struct_conn.conn_type_id 
_struct_conn.pdbx_leaving_atom_flag 
_struct_conn.pdbx_PDB_id 
_struct_conn.ptnr1_label_asym_id 
_struct_conn.ptnr1_label_comp_id 
_struct_conn.ptnr1_label_seq_id 
_struct_conn.ptnr1_label_atom_id 
_struct_conn.pdbx_ptnr1_label_alt_id 
_struct_conn.pdbx_ptnr1_PDB_ins_code 
_struct_conn.pdbx_ptnr1_standard_comp_id 
_struct_conn.ptnr1_symmetry 
_struct_conn.ptnr2_label_asym_id 
_struct_conn.ptnr2_label_comp_id 
_struct_conn.ptnr2_label_seq_id 
_struct_conn.ptnr2_label_atom_id 
_struct_conn.pdbx_ptnr2_label_alt_id 
_struct_conn.pdbx_ptnr2_PDB_ins_code 
_struct_conn.ptnr1_auth_asym_id 
_struct_conn.ptnr1_auth_comp_id 
_struct_conn.ptnr1_auth_seq_id 
_struct_conn.ptnr2_auth_asym_id 
_struct_conn.ptnr2_auth_comp_id 
_struct_conn.ptnr2_auth_seq_id 
_struct_conn.ptnr2_symmetry 
_struct_conn.pdbx_ptnr3_label_atom_id 
_struct_conn.pdbx_ptnr3_label_seq_id 
_struct_conn.pdbx_ptnr3_label_comp_id 
_struct_conn.pdbx_ptnr3_label_asym_id 
_struct_conn.pdbx_ptnr3_label_alt_id 
_struct_conn.pdbx_ptnr3_PDB_ins_code 
_struct_conn.details 
_struct_conn.pdbx_dist_value 
_struct_conn.pdbx_value_order 
_struct_conn.pdbx_role 
covale1  covale both ? A DG  3 "O3'" ? ? ? 1_555 A BRU 4 P  ? ? A DG  3 A BRU 4 1_555 ? ? ? ? ? ? ?            1.615 ? ? 
covale2  covale both ? A BRU 4 "O3'" ? ? ? 1_555 A DA  5 P  ? ? A BRU 4 A DA  5 1_555 ? ? ? ? ? ? ?            1.601 ? ? 
hydrog1  hydrog ?    ? A DG  1 N1    ? ? ? 1_555 A DC  8 N3 ? ? A DG  1 A DC  8 7_556 ? ? ? ? ? ? WATSON-CRICK ?     ? ? 
hydrog2  hydrog ?    ? A DG  1 N2    ? ? ? 1_555 A DC  8 O2 ? ? A DG  1 A DC  8 7_556 ? ? ? ? ? ? WATSON-CRICK ?     ? ? 
hydrog3  hydrog ?    ? A DG  1 O6    ? ? ? 1_555 A DC  8 N4 ? ? A DG  1 A DC  8 7_556 ? ? ? ? ? ? WATSON-CRICK ?     ? ? 
hydrog4  hydrog ?    ? A DT  2 N3    ? ? ? 1_555 A DA  7 N1 ? ? A DT  2 A DA  7 7_556 ? ? ? ? ? ? WATSON-CRICK ?     ? ? 
hydrog5  hydrog ?    ? A DT  2 O4    ? ? ? 1_555 A DA  7 N6 ? ? A DT  2 A DA  7 7_556 ? ? ? ? ? ? WATSON-CRICK ?     ? ? 
hydrog6  hydrog ?    ? A DG  3 N1    ? ? ? 1_555 A DC  6 N3 ? ? A DG  3 A DC  6 7_556 ? ? ? ? ? ? WATSON-CRICK ?     ? ? 
hydrog7  hydrog ?    ? A DG  3 N2    ? ? ? 1_555 A DC  6 O2 ? ? A DG  3 A DC  6 7_556 ? ? ? ? ? ? WATSON-CRICK ?     ? ? 
hydrog8  hydrog ?    ? A DG  3 O6    ? ? ? 1_555 A DC  6 N4 ? ? A DG  3 A DC  6 7_556 ? ? ? ? ? ? WATSON-CRICK ?     ? ? 
hydrog9  hydrog ?    ? A BRU 4 N3    ? ? ? 1_555 A DA  5 N1 ? ? A BRU 4 A DA  5 7_556 ? ? ? ? ? ? WATSON-CRICK ?     ? ? 
hydrog10 hydrog ?    ? A BRU 4 O4    ? ? ? 1_555 A DA  5 N6 ? ? A BRU 4 A DA  5 7_556 ? ? ? ? ? ? WATSON-CRICK ?     ? ? 
hydrog11 hydrog ?    ? A DA  5 N1    ? ? ? 1_555 A BRU 4 N3 ? ? A DA  5 A BRU 4 7_556 ? ? ? ? ? ? WATSON-CRICK ?     ? ? 
hydrog12 hydrog ?    ? A DA  5 N6    ? ? ? 1_555 A BRU 4 O4 ? ? A DA  5 A BRU 4 7_556 ? ? ? ? ? ? WATSON-CRICK ?     ? ? 
hydrog13 hydrog ?    ? A DC  6 N3    ? ? ? 1_555 A DG  3 N1 ? ? A DC  6 A DG  3 7_556 ? ? ? ? ? ? WATSON-CRICK ?     ? ? 
hydrog14 hydrog ?    ? A DC  6 N4    ? ? ? 1_555 A DG  3 O6 ? ? A DC  6 A DG  3 7_556 ? ? ? ? ? ? WATSON-CRICK ?     ? ? 
hydrog15 hydrog ?    ? A DC  6 O2    ? ? ? 1_555 A DG  3 N2 ? ? A DC  6 A DG  3 7_556 ? ? ? ? ? ? WATSON-CRICK ?     ? ? 
hydrog16 hydrog ?    ? A DA  7 N1    ? ? ? 1_555 A DT  2 N3 ? ? A DA  7 A DT  2 7_556 ? ? ? ? ? ? WATSON-CRICK ?     ? ? 
hydrog17 hydrog ?    ? A DA  7 N6    ? ? ? 1_555 A DT  2 O4 ? ? A DA  7 A DT  2 7_556 ? ? ? ? ? ? WATSON-CRICK ?     ? ? 
hydrog18 hydrog ?    ? A DC  8 N3    ? ? ? 1_555 A DG  1 N1 ? ? A DC  8 A DG  1 7_556 ? ? ? ? ? ? WATSON-CRICK ?     ? ? 
hydrog19 hydrog ?    ? A DC  8 N4    ? ? ? 1_555 A DG  1 O6 ? ? A DC  8 A DG  1 7_556 ? ? ? ? ? ? WATSON-CRICK ?     ? ? 
hydrog20 hydrog ?    ? A DC  8 O2    ? ? ? 1_555 A DG  1 N2 ? ? A DC  8 A DG  1 7_556 ? ? ? ? ? ? WATSON-CRICK ?     ? ? 
# 
loop_
_struct_conn_type.id 
_struct_conn_type.criteria 
_struct_conn_type.reference 
covale ? ? 
hydrog ? ? 
# 
_atom_sites.entry_id                    2H05 
_atom_sites.fract_transf_matrix[1][1]   0.00786350 
_atom_sites.fract_transf_matrix[1][2]   -0.00532890 
_atom_sites.fract_transf_matrix[1][3]   0.02180256 
_atom_sites.fract_transf_matrix[2][1]   -0.01586681 
_atom_sites.fract_transf_matrix[2][2]   -0.01765927 
_atom_sites.fract_transf_matrix[2][3]   0.00140645 
_atom_sites.fract_transf_matrix[3][1]   0.02750267 
_atom_sites.fract_transf_matrix[3][2]   -0.02600736 
_atom_sites.fract_transf_matrix[3][3]   -0.01627598 
_atom_sites.fract_transf_vector[1]      0.211840 
_atom_sites.fract_transf_vector[2]      0.231254 
_atom_sites.fract_transf_vector[3]      0.408838 
# 
loop_
_atom_type.symbol 
BR 
C  
N  
O  
P  
# 
loop_
_atom_site.group_PDB 
_atom_site.id 
_atom_site.type_symbol 
_atom_site.label_atom_id 
_atom_site.label_alt_id 
_atom_site.label_comp_id 
_atom_site.label_asym_id 
_atom_site.label_entity_id 
_atom_site.label_seq_id 
_atom_site.pdbx_PDB_ins_code 
_atom_site.Cartn_x 
_atom_site.Cartn_y 
_atom_site.Cartn_z 
_atom_site.occupancy 
_atom_site.B_iso_or_equiv 
_atom_site.pdbx_formal_charge 
_atom_site.auth_seq_id 
_atom_site.auth_comp_id 
_atom_site.auth_asym_id 
_atom_site.auth_atom_id 
_atom_site.pdbx_PDB_model_num 
ATOM   1   O  "O5'" . DG  A 1 1 ? 3.476   -0.590 -12.842 1.00 28.90 ? 1  DG  A "O5'" 1 
ATOM   2   C  "C5'" . DG  A 1 1 ? 3.017   -0.105 -14.114 1.00 28.37 ? 1  DG  A "C5'" 1 
ATOM   3   C  "C4'" . DG  A 1 1 ? 1.524   -0.197 -14.325 1.00 27.33 ? 1  DG  A "C4'" 1 
ATOM   4   O  "O4'" . DG  A 1 1 ? 1.239   -1.607 -14.465 1.00 26.10 ? 1  DG  A "O4'" 1 
ATOM   5   C  "C3'" . DG  A 1 1 ? 0.686   0.250  -13.131 1.00 28.41 ? 1  DG  A "C3'" 1 
ATOM   6   O  "O3'" . DG  A 1 1 ? 0.164   1.563  -13.190 1.00 29.76 ? 1  DG  A "O3'" 1 
ATOM   7   C  "C2'" . DG  A 1 1 ? -0.472  -0.731 -13.094 1.00 27.50 ? 1  DG  A "C2'" 1 
ATOM   8   C  "C1'" . DG  A 1 1 ? -0.023  -1.933 -13.897 1.00 26.17 ? 1  DG  A "C1'" 1 
ATOM   9   N  N9    . DG  A 1 1 ? 0.400   -2.898 -12.867 1.00 25.80 ? 1  DG  A N9    1 
ATOM   10  C  C8    . DG  A 1 1 ? 1.654   -3.118 -12.340 1.00 24.90 ? 1  DG  A C8    1 
ATOM   11  N  N7    . DG  A 1 1 ? 1.661   -4.013 -11.373 1.00 25.91 ? 1  DG  A N7    1 
ATOM   12  C  C5    . DG  A 1 1 ? 0.331   -4.398 -11.258 1.00 25.81 ? 1  DG  A C5    1 
ATOM   13  C  C6    . DG  A 1 1 ? -0.313  -5.333 -10.340 1.00 26.00 ? 1  DG  A C6    1 
ATOM   14  O  O6    . DG  A 1 1 ? 0.202   -6.035 -9.444  1.00 26.40 ? 1  DG  A O6    1 
ATOM   15  N  N1    . DG  A 1 1 ? -1.684  -5.391 -10.566 1.00 25.76 ? 1  DG  A N1    1 
ATOM   16  C  C2    . DG  A 1 1 ? -2.367  -4.679 -11.534 1.00 27.54 ? 1  DG  A C2    1 
ATOM   17  N  N2    . DG  A 1 1 ? -3.699  -4.905 -11.609 1.00 26.10 ? 1  DG  A N2    1 
ATOM   18  N  N3    . DG  A 1 1 ? -1.794  -3.822 -12.374 1.00 25.95 ? 1  DG  A N3    1 
ATOM   19  C  C4    . DG  A 1 1 ? -0.456  -3.736 -12.184 1.00 26.03 ? 1  DG  A C4    1 
ATOM   20  P  P     . DT  A 1 2 ? -0.028  2.382  -11.808 1.00 31.11 ? 2  DT  A P     1 
ATOM   21  O  OP1   . DT  A 1 2 ? -0.293  3.797  -12.175 1.00 33.94 ? 2  DT  A OP1   1 
ATOM   22  O  OP2   . DT  A 1 2 ? 1.067   2.071  -10.858 1.00 31.25 ? 2  DT  A OP2   1 
ATOM   23  O  "O5'" . DT  A 1 2 ? -1.355  1.759  -11.193 1.00 31.33 ? 2  DT  A "O5'" 1 
ATOM   24  C  "C5'" . DT  A 1 2 ? -2.567  1.764  -11.933 1.00 32.33 ? 2  DT  A "C5'" 1 
ATOM   25  C  "C4'" . DT  A 1 2 ? -3.668  1.119  -11.132 1.00 33.36 ? 2  DT  A "C4'" 1 
ATOM   26  O  "O4'" . DT  A 1 2 ? -3.364  -0.298 -11.036 1.00 32.65 ? 2  DT  A "O4'" 1 
ATOM   27  C  "C3'" . DT  A 1 2 ? -3.732  1.609  -9.685  1.00 34.16 ? 2  DT  A "C3'" 1 
ATOM   28  O  "O3'" . DT  A 1 2 ? -4.716  2.594  -9.436  1.00 37.08 ? 2  DT  A "O3'" 1 
ATOM   29  C  "C2'" . DT  A 1 2 ? -4.092  0.372  -8.883  1.00 33.34 ? 2  DT  A "C2'" 1 
ATOM   30  C  "C1'" . DT  A 1 2 ? -3.862  -0.812 -9.801  1.00 31.72 ? 2  DT  A "C1'" 1 
ATOM   31  N  N1    . DT  A 1 2 ? -2.645  -1.545 -9.300  1.00 29.54 ? 2  DT  A N1    1 
ATOM   32  C  C2    . DT  A 1 2 ? -2.901  -2.665 -8.514  1.00 28.53 ? 2  DT  A C2    1 
ATOM   33  O  O2    . DT  A 1 2 ? -4.039  -3.085 -8.308  1.00 26.98 ? 2  DT  A O2    1 
ATOM   34  N  N3    . DT  A 1 2 ? -1.792  -3.275 -7.971  1.00 24.44 ? 2  DT  A N3    1 
ATOM   35  C  C4    . DT  A 1 2 ? -0.468  -2.923 -8.113  1.00 26.76 ? 2  DT  A C4    1 
ATOM   36  O  O4    . DT  A 1 2 ? 0.413   -3.563 -7.531  1.00 29.04 ? 2  DT  A O4    1 
ATOM   37  C  C5    . DT  A 1 2 ? -0.224  -1.742 -8.990  1.00 25.89 ? 2  DT  A C5    1 
ATOM   38  C  C7    . DT  A 1 2 ? 1.190   -1.302 -9.228  1.00 27.49 ? 2  DT  A C7    1 
ATOM   39  C  C6    . DT  A 1 2 ? -1.341  -1.120 -9.545  1.00 27.35 ? 2  DT  A C6    1 
ATOM   40  P  P     . DG  A 1 3 ? -4.621  3.458  -8.073  1.00 40.47 ? 3  DG  A P     1 
ATOM   41  O  OP1   . DG  A 1 3 ? -5.209  4.785  -8.372  1.00 40.94 ? 3  DG  A OP1   1 
ATOM   42  O  OP2   . DG  A 1 3 ? -3.250  3.350  -7.477  1.00 37.43 ? 3  DG  A OP2   1 
ATOM   43  O  "O5'" . DG  A 1 3 ? -5.585  2.663  -7.096  1.00 39.82 ? 3  DG  A "O5'" 1 
ATOM   44  C  "C5'" . DG  A 1 3 ? -5.040  1.831  -6.100  1.00 37.45 ? 3  DG  A "C5'" 1 
ATOM   45  C  "C4'" . DG  A 1 3 ? -6.086  0.868  -5.611  1.00 36.54 ? 3  DG  A "C4'" 1 
ATOM   46  O  "O4'" . DG  A 1 3 ? -5.679  -0.428 -6.121  1.00 34.59 ? 3  DG  A "O4'" 1 
ATOM   47  C  "C3'" . DG  A 1 3 ? -6.057  0.770  -4.090  1.00 36.22 ? 3  DG  A "C3'" 1 
ATOM   48  O  "O3'" . DG  A 1 3 ? -7.199  1.312  -3.442  1.00 37.02 ? 3  DG  A "O3'" 1 
ATOM   49  C  "C2'" . DG  A 1 3 ? -5.893  -0.703 -3.773  1.00 35.13 ? 3  DG  A "C2'" 1 
ATOM   50  C  "C1'" . DG  A 1 3 ? -5.557  -1.387 -5.084  1.00 33.65 ? 3  DG  A "C1'" 1 
ATOM   51  N  N9    . DG  A 1 3 ? -4.096  -1.553 -5.049  1.00 29.60 ? 3  DG  A N9    1 
ATOM   52  C  C8    . DG  A 1 3 ? -3.099  -0.809 -5.644  1.00 29.35 ? 3  DG  A C8    1 
ATOM   53  N  N7    . DG  A 1 3 ? -1.892  -1.234 -5.349  1.00 29.20 ? 3  DG  A N7    1 
ATOM   54  C  C5    . DG  A 1 3 ? -2.107  -2.323 -4.518  1.00 26.36 ? 3  DG  A C5    1 
ATOM   55  C  C6    . DG  A 1 3 ? -1.171  -3.230 -3.866  1.00 25.13 ? 3  DG  A C6    1 
ATOM   56  O  O6    . DG  A 1 3 ? 0.086   -3.250 -3.910  1.00 24.58 ? 3  DG  A O6    1 
ATOM   57  N  N1    . DG  A 1 3 ? -1.853  -4.182 -3.120  1.00 23.62 ? 3  DG  A N1    1 
ATOM   58  C  C2    . DG  A 1 3 ? -3.216  -4.277 -3.000  1.00 23.56 ? 3  DG  A C2    1 
ATOM   59  N  N2    . DG  A 1 3 ? -3.681  -5.246 -2.219  1.00 24.76 ? 3  DG  A N2    1 
ATOM   60  N  N3    . DG  A 1 3 ? -4.073  -3.474 -3.600  1.00 24.63 ? 3  DG  A N3    1 
ATOM   61  C  C4    . DG  A 1 3 ? -3.459  -2.532 -4.330  1.00 27.31 ? 3  DG  A C4    1 
HETATM 62  N  N1    . BRU A 1 4 ? -4.070  -2.165 -0.048  1.00 28.23 ? 4  BRU A N1    1 
HETATM 63  C  C2    . BRU A 1 4 ? -2.995  -2.934 0.338   1.00 28.20 ? 4  BRU A C2    1 
HETATM 64  N  N3    . BRU A 1 4 ? -1.774  -2.553 -0.180  1.00 25.37 ? 4  BRU A N3    1 
HETATM 65  C  C4    . BRU A 1 4 ? -1.497  -1.463 -1.013  1.00 25.81 ? 4  BRU A C4    1 
HETATM 66  C  C5    . BRU A 1 4 ? -2.685  -0.630 -1.404  1.00 27.58 ? 4  BRU A C5    1 
HETATM 67  C  C6    . BRU A 1 4 ? -3.922  -1.062 -0.899  1.00 28.81 ? 4  BRU A C6    1 
HETATM 68  O  O2    . BRU A 1 4 ? -3.112  -3.885 1.119   1.00 27.54 ? 4  BRU A O2    1 
HETATM 69  O  O4    . BRU A 1 4 ? -0.361  -1.254 -1.363  1.00 24.09 ? 4  BRU A O4    1 
HETATM 70  BR BR    . BRU A 1 4 ? -2.455  0.741  -2.392  0.95 31.12 ? 4  BRU A BR    1 
HETATM 71  C  "C1'" . BRU A 1 4 ? -5.377  -2.583 0.572   1.00 32.24 ? 4  BRU A "C1'" 1 
HETATM 72  C  "C2'" . BRU A 1 4 ? -5.667  -1.636 1.721   1.00 32.64 ? 4  BRU A "C2'" 1 
HETATM 73  C  "C3'" . BRU A 1 4 ? -6.840  -0.779 1.282   1.00 33.83 ? 4  BRU A "C3'" 1 
HETATM 74  C  "C4'" . BRU A 1 4 ? -7.359  -1.437 0.007   1.00 33.78 ? 4  BRU A "C4'" 1 
HETATM 75  O  "O3'" . BRU A 1 4 ? -7.781  -0.698 2.337   1.00 34.07 ? 4  BRU A "O3'" 1 
HETATM 76  O  "O4'" . BRU A 1 4 ? -6.271  -2.260 -0.485  1.00 33.10 ? 4  BRU A "O4'" 1 
HETATM 77  C  "C5'" . BRU A 1 4 ? -7.695  -0.442 -1.076  1.00 34.81 ? 4  BRU A "C5'" 1 
HETATM 78  O  "O5'" . BRU A 1 4 ? -6.757  0.617  -1.084  1.00 35.74 ? 4  BRU A "O5'" 1 
HETATM 79  P  P     . BRU A 1 4 ? -7.028  1.912  -1.953  1.00 37.38 ? 4  BRU A P     1 
HETATM 80  O  OP1   . BRU A 1 4 ? -8.350  2.459  -1.545  1.00 38.82 ? 4  BRU A OP1   1 
HETATM 81  O  OP2   . BRU A 1 4 ? -5.839  2.775  -1.897  1.00 36.00 ? 4  BRU A OP2   1 
ATOM   82  P  P     . DA  A 1 5 ? -7.419  0.197  3.615   1.00 33.92 ? 5  DA  A P     1 
ATOM   83  O  OP1   . DA  A 1 5 ? -8.691  0.533  4.309   1.00 34.09 ? 5  DA  A OP1   1 
ATOM   84  O  OP2   . DA  A 1 5 ? -6.503  1.287  3.242   1.00 34.09 ? 5  DA  A OP2   1 
ATOM   85  O  "O5'" . DA  A 1 5 ? -6.615  -0.856 4.505   1.00 31.37 ? 5  DA  A "O5'" 1 
ATOM   86  C  "C5'" . DA  A 1 5 ? -5.417  -0.511 5.177   1.00 29.90 ? 5  DA  A "C5'" 1 
ATOM   87  C  "C4'" . DA  A 1 5 ? -4.782  -1.754 5.753   1.00 28.27 ? 5  DA  A "C4'" 1 
ATOM   88  O  "O4'" . DA  A 1 5 ? -4.236  -2.506 4.637   1.00 27.34 ? 5  DA  A "O4'" 1 
ATOM   89  C  "C3'" . DA  A 1 5 ? -3.599  -1.470 6.670   1.00 27.98 ? 5  DA  A "C3'" 1 
ATOM   90  O  "O3'" . DA  A 1 5 ? -3.909  -1.581 8.048   1.00 28.35 ? 5  DA  A "O3'" 1 
ATOM   91  C  "C2'" . DA  A 1 5 ? -2.529  -2.477 6.277   1.00 27.26 ? 5  DA  A "C2'" 1 
ATOM   92  C  "C1'" . DA  A 1 5 ? -2.886  -2.899 4.863   1.00 25.75 ? 5  DA  A "C1'" 1 
ATOM   93  N  N9    . DA  A 1 5 ? -2.039  -2.156 3.923   1.00 23.58 ? 5  DA  A N9    1 
ATOM   94  C  C8    . DA  A 1 5 ? -2.383  -1.077 3.119   1.00 23.23 ? 5  DA  A C8    1 
ATOM   95  N  N7    . DA  A 1 5 ? -1.376  -0.598 2.413   1.00 21.79 ? 5  DA  A N7    1 
ATOM   96  C  C5    . DA  A 1 5 ? -0.305  -1.422 2.755   1.00 21.90 ? 5  DA  A C5    1 
ATOM   97  C  C6    . DA  A 1 5 ? 1.048   -1.448 2.332   1.00 21.76 ? 5  DA  A C6    1 
ATOM   98  N  N6    . DA  A 1 5 ? 1.571   -0.593 1.433   1.00 22.65 ? 5  DA  A N6    1 
ATOM   99  N  N1    . DA  A 1 5 ? 1.851   -2.390 2.862   1.00 22.04 ? 5  DA  A N1    1 
ATOM   100 C  C2    . DA  A 1 5 ? 1.326   -3.256 3.749   1.00 22.57 ? 5  DA  A C2    1 
ATOM   101 N  N3    . DA  A 1 5 ? 0.070   -3.342 4.220   1.00 22.63 ? 5  DA  A N3    1 
ATOM   102 C  C4    . DA  A 1 5 ? -0.701  -2.386 3.681   1.00 23.52 ? 5  DA  A C4    1 
ATOM   103 P  P     . DC  A 1 6 ? -3.222  -0.543 9.057   1.00 31.39 ? 6  DC  A P     1 
ATOM   104 O  OP1   . DC  A 1 6 ? -3.864  -0.712 10.382  1.00 30.85 ? 6  DC  A OP1   1 
ATOM   105 O  OP2   . DC  A 1 6 ? -3.133  0.794  8.425   1.00 28.73 ? 6  DC  A OP2   1 
ATOM   106 O  "O5'" . DC  A 1 6 ? -1.728  -1.065 9.130   1.00 29.12 ? 6  DC  A "O5'" 1 
ATOM   107 C  "C5'" . DC  A 1 6 ? -1.467  -2.399 9.537   1.00 29.23 ? 6  DC  A "C5'" 1 
ATOM   108 C  "C4'" . DC  A 1 6 ? 0.010   -2.683 9.472   1.00 28.69 ? 6  DC  A "C4'" 1 
ATOM   109 O  "O4'" . DC  A 1 6 ? 0.352   -2.882 8.077   1.00 26.93 ? 6  DC  A "O4'" 1 
ATOM   110 C  "C3'" . DC  A 1 6 ? 0.860   -1.502 9.916   1.00 27.85 ? 6  DC  A "C3'" 1 
ATOM   111 O  "O3'" . DC  A 1 6 ? 1.258   -1.563 11.277  1.00 29.58 ? 6  DC  A "O3'" 1 
ATOM   112 C  "C2'" . DC  A 1 6 ? 2.086   -1.581 9.029   1.00 27.10 ? 6  DC  A "C2'" 1 
ATOM   113 C  "C1'" . DC  A 1 6 ? 1.653   -2.378 7.816   1.00 25.99 ? 6  DC  A "C1'" 1 
ATOM   114 N  N1    . DC  A 1 6 ? 1.554   -1.352 6.760   1.00 24.77 ? 6  DC  A N1    1 
ATOM   115 C  C2    . DC  A 1 6 ? 2.688   -1.107 5.958   1.00 24.07 ? 6  DC  A C2    1 
ATOM   116 O  O2    . DC  A 1 6 ? 3.726   -1.762 6.176   1.00 26.75 ? 6  DC  A O2    1 
ATOM   117 N  N3    . DC  A 1 6 ? 2.641   -0.158 4.992   1.00 24.54 ? 6  DC  A N3    1 
ATOM   118 C  C4    . DC  A 1 6 ? 1.540   0.583  4.817   1.00 23.35 ? 6  DC  A C4    1 
ATOM   119 N  N4    . DC  A 1 6 ? 1.576   1.549  3.877   1.00 24.14 ? 6  DC  A N4    1 
ATOM   120 C  C5    . DC  A 1 6 ? 0.360   0.383  5.602   1.00 24.84 ? 6  DC  A C5    1 
ATOM   121 C  C6    . DC  A 1 6 ? 0.410   -0.622 6.575   1.00 23.86 ? 6  DC  A C6    1 
ATOM   122 P  P     . DA  A 1 7 ? 1.770   -0.225 11.984  1.00 31.36 ? 7  DA  A P     1 
ATOM   123 O  OP1   . DA  A 1 7 ? 1.821   -0.545 13.464  1.00 30.36 ? 7  DA  A OP1   1 
ATOM   124 O  OP2   . DA  A 1 7 ? 1.076   1.005  11.535  1.00 29.18 ? 7  DA  A OP2   1 
ATOM   125 O  "O5'" . DA  A 1 7 ? 3.271   -0.150 11.477  1.00 28.95 ? 7  DA  A "O5'" 1 
ATOM   126 C  "C5'" . DA  A 1 7 ? 4.153   -1.248 11.711  1.00 28.92 ? 7  DA  A "C5'" 1 
ATOM   127 C  "C4'" . DA  A 1 7 ? 5.560   -0.916 11.275  1.00 28.92 ? 7  DA  A "C4'" 1 
ATOM   128 O  "O4'" . DA  A 1 7 ? 5.587   -0.950 9.827   1.00 27.95 ? 7  DA  A "O4'" 1 
ATOM   129 C  "C3'" . DA  A 1 7 ? 6.040   0.473  11.670  1.00 29.50 ? 7  DA  A "C3'" 1 
ATOM   130 O  "O3'" . DA  A 1 7 ? 6.908   0.502  12.789  1.00 32.20 ? 7  DA  A "O3'" 1 
ATOM   131 C  "C2'" . DA  A 1 7 ? 6.781   0.994  10.453  1.00 28.06 ? 7  DA  A "C2'" 1 
ATOM   132 C  "C1'" . DA  A 1 7 ? 6.383   0.103  9.296   1.00 27.47 ? 7  DA  A "C1'" 1 
ATOM   133 N  N9    . DA  A 1 7 ? 5.528   0.892  8.401   1.00 24.18 ? 7  DA  A N9    1 
ATOM   134 C  C8    . DA  A 1 7 ? 4.183   1.103  8.484   1.00 23.74 ? 7  DA  A C8    1 
ATOM   135 N  N7    . DA  A 1 7 ? 3.710   1.910  7.555   1.00 25.18 ? 7  DA  A N7    1 
ATOM   136 C  C5    . DA  A 1 7 ? 4.828   2.236  6.799   1.00 23.37 ? 7  DA  A C5    1 
ATOM   137 C  C6    . DA  A 1 7 ? 4.993   3.024  5.654   1.00 23.10 ? 7  DA  A C6    1 
ATOM   138 N  N6    . DA  A 1 7 ? 3.987   3.627  5.031   1.00 23.26 ? 7  DA  A N6    1 
ATOM   139 N  N1    . DA  A 1 7 ? 6.236   3.152  5.150   1.00 23.48 ? 7  DA  A N1    1 
ATOM   140 C  C2    . DA  A 1 7 ? 7.239   2.489  5.748   1.00 26.15 ? 7  DA  A C2    1 
ATOM   141 N  N3    . DA  A 1 7 ? 7.202   1.689  6.824   1.00 26.15 ? 7  DA  A N3    1 
ATOM   142 C  C4    . DA  A 1 7 ? 5.954   1.612  7.306   1.00 25.24 ? 7  DA  A C4    1 
ATOM   143 P  P     . DC  A 1 8 ? 7.075   1.889  13.592  1.00 35.37 ? 8  DC  A P     1 
ATOM   144 O  OP1   . DC  A 1 8 ? 7.701   1.496  14.896  1.00 34.40 ? 8  DC  A OP1   1 
ATOM   145 O  OP2   . DC  A 1 8 ? 5.802   2.636  13.600  1.00 34.66 ? 8  DC  A OP2   1 
ATOM   146 O  "O5'" . DC  A 1 8 ? 8.090   2.710  12.695  1.00 34.09 ? 8  DC  A "O5'" 1 
ATOM   147 C  "C5'" . DC  A 1 8 ? 9.381   2.180  12.409  1.00 37.18 ? 8  DC  A "C5'" 1 
ATOM   148 C  "C4'" . DC  A 1 8 ? 10.178  3.145  11.563  1.00 37.20 ? 8  DC  A "C4'" 1 
ATOM   149 O  "O4'" . DC  A 1 8 ? 9.529   3.321  10.276  1.00 37.26 ? 8  DC  A "O4'" 1 
ATOM   150 C  "C3'" . DC  A 1 8 ? 10.330  4.547  12.161  1.00 37.70 ? 8  DC  A "C3'" 1 
ATOM   151 O  "O3'" . DC  A 1 8 ? 11.532  5.139  11.682  1.00 39.24 ? 8  DC  A "O3'" 1 
ATOM   152 C  "C2'" . DC  A 1 8 ? 9.244   5.329  11.453  1.00 37.63 ? 8  DC  A "C2'" 1 
ATOM   153 C  "C1'" . DC  A 1 8 ? 9.300   4.706  10.061  1.00 37.02 ? 8  DC  A "C1'" 1 
ATOM   154 N  N1    . DC  A 1 8 ? 8.010   4.889  9.356   1.00 33.66 ? 8  DC  A N1    1 
ATOM   155 C  C2    . DC  A 1 8 ? 8.017   5.494  8.092   1.00 33.54 ? 8  DC  A C2    1 
ATOM   156 O  O2    . DC  A 1 8 ? 9.104   5.806  7.579   1.00 33.73 ? 8  DC  A O2    1 
ATOM   157 N  N3    . DC  A 1 8 ? 6.845   5.734  7.458   1.00 30.77 ? 8  DC  A N3    1 
ATOM   158 C  C4    . DC  A 1 8 ? 5.685   5.410  8.034   1.00 29.41 ? 8  DC  A C4    1 
ATOM   159 N  N4    . DC  A 1 8 ? 4.571   5.712  7.382   1.00 27.48 ? 8  DC  A N4    1 
ATOM   160 C  C5    . DC  A 1 8 ? 5.626   4.769  9.307   1.00 30.68 ? 8  DC  A C5    1 
ATOM   161 C  C6    . DC  A 1 8 ? 6.828   4.513  9.930   1.00 32.70 ? 8  DC  A C6    1 
HETATM 162 O  O     . HOH B 2 . ? -0.781  -5.622 5.673   1.00 25.48 ? 9  HOH A O     1 
HETATM 163 O  O     . HOH B 2 . ? 2.938   4.108  -15.478 1.00 32.64 ? 10 HOH A O     1 
HETATM 164 O  O     . HOH B 2 . ? 1.097   3.107  7.845   1.00 37.33 ? 11 HOH A O     1 
HETATM 165 O  O     . HOH B 2 . ? 0.590   0.377  -5.773  1.00 37.82 ? 12 HOH A O     1 
HETATM 166 O  O     . HOH B 2 . ? 5.592   -1.785 -13.703 1.00 37.74 ? 13 HOH A O     1 
HETATM 167 O  O     . HOH B 2 . ? 2.702   3.397  11.096  1.00 42.66 ? 14 HOH A O     1 
HETATM 168 O  O     . HOH B 2 . ? 9.704   0.816  7.512   1.00 42.06 ? 15 HOH A O     1 
HETATM 169 O  O     . HOH B 2 . ? 3.421   1.118  -10.878 1.00 38.03 ? 16 HOH A O     1 
HETATM 170 O  O     . HOH B 2 . ? 4.232   4.334  12.793  1.00 42.51 ? 17 HOH A O     1 
HETATM 171 O  O     . HOH B 2 . ? 4.133   -4.335 -10.039 1.00 39.11 ? 18 HOH A O     1 
HETATM 172 O  O     . HOH B 2 . ? 1.449   5.255  -13.574 1.00 42.79 ? 19 HOH A O     1 
HETATM 173 O  O     . HOH B 2 . ? 9.685   -0.136 15.074  1.00 43.07 ? 20 HOH A O     1 
HETATM 174 O  O     . HOH B 2 . ? -1.905  5.875  -11.345 1.00 44.67 ? 21 HOH A O     1 
HETATM 175 O  O     . HOH B 2 . ? 0.170   2.398  14.211  1.00 51.67 ? 22 HOH A O     1 
HETATM 176 O  O     . HOH B 2 . ? -2.532  1.093  13.236  1.00 51.99 ? 23 HOH A O     1 
HETATM 177 O  O     . HOH B 2 . ? 2.860   -6.450 -8.120  1.00 51.38 ? 24 HOH A O     1 
HETATM 178 O  O     . HOH B 2 . ? -3.928  1.903  1.850   1.00 52.01 ? 25 HOH A O     1 
HETATM 179 O  O     . HOH B 2 . ? 2.461   -2.243 -4.858  1.00 51.88 ? 26 HOH A O     1 
HETATM 180 O  O     . HOH B 2 . ? -7.145  -4.052 -8.023  1.00 51.20 ? 27 HOH A O     1 
HETATM 181 O  O     . HOH B 2 . ? -1.884  3.065  -4.232  1.00 54.04 ? 28 HOH A O     1 
HETATM 182 O  O     . HOH B 2 . ? -10.623 2.067  -4.812  1.00 58.53 ? 29 HOH A O     1 
HETATM 183 O  O     . HOH B 2 . ? 3.404   -4.025 -6.552  1.00 58.76 ? 30 HOH A O     1 
HETATM 184 O  O     . HOH B 2 . ? 1.851   2.478  -6.915  1.00 61.97 ? 31 HOH A O     1 
HETATM 185 O  O     . HOH B 2 . ? -4.375  4.444  -3.440  1.00 54.15 ? 32 HOH A O     1 
HETATM 186 O  O     . HOH B 2 . ? -1.230  1.994  1.246   1.00 36.97 ? 33 HOH A O     1 
HETATM 187 O  O     . HOH B 2 . ? -3.878  3.748  0.365   1.00 50.26 ? 34 HOH A O     1 
HETATM 188 O  O     . HOH B 2 . ? 0.989   4.438  5.497   1.00 49.75 ? 35 HOH A O     1 
HETATM 189 O  O     . HOH B 2 . ? 4.725   0.310  -8.654  1.00 57.04 ? 36 HOH A O     1 
HETATM 190 O  O     . HOH B 2 . ? -10.295 0.234  -7.312  1.00 50.67 ? 37 HOH A O     1 
HETATM 191 O  O     . HOH B 2 . ? -0.774  2.258  -7.142  1.00 62.40 ? 38 HOH A O     1 
HETATM 192 O  O     . HOH B 2 . ? -4.800  5.721  -10.995 1.00 58.38 ? 39 HOH A O     1 
HETATM 193 O  O     . HOH B 2 . ? 5.499   3.036  -11.768 1.00 58.80 ? 40 HOH A O     1 
HETATM 194 O  O     . HOH B 2 . ? 2.262   -0.010 -3.013  0.50 53.22 ? 41 HOH A O     1 
# 
loop_
_pdbx_poly_seq_scheme.asym_id 
_pdbx_poly_seq_scheme.entity_id 
_pdbx_poly_seq_scheme.seq_id 
_pdbx_poly_seq_scheme.mon_id 
_pdbx_poly_seq_scheme.ndb_seq_num 
_pdbx_poly_seq_scheme.pdb_seq_num 
_pdbx_poly_seq_scheme.auth_seq_num 
_pdbx_poly_seq_scheme.pdb_mon_id 
_pdbx_poly_seq_scheme.auth_mon_id 
_pdbx_poly_seq_scheme.pdb_strand_id 
_pdbx_poly_seq_scheme.pdb_ins_code 
_pdbx_poly_seq_scheme.hetero 
A 1 1 DG  1 1 1 DG  GUA A . n 
A 1 2 DT  2 2 2 DT  THY A . n 
A 1 3 DG  3 3 3 DG  GUA A . n 
A 1 4 BRU 4 4 4 BRU BRU A . n 
A 1 5 DA  5 5 5 DA  ADE A . n 
A 1 6 DC  6 6 6 DC  CYT A . n 
A 1 7 DA  7 7 7 DA  ADE A . n 
A 1 8 DC  8 8 8 DC  CYT A . n 
# 
loop_
_pdbx_nonpoly_scheme.asym_id 
_pdbx_nonpoly_scheme.entity_id 
_pdbx_nonpoly_scheme.mon_id 
_pdbx_nonpoly_scheme.ndb_seq_num 
_pdbx_nonpoly_scheme.pdb_seq_num 
_pdbx_nonpoly_scheme.auth_seq_num 
_pdbx_nonpoly_scheme.pdb_mon_id 
_pdbx_nonpoly_scheme.auth_mon_id 
_pdbx_nonpoly_scheme.pdb_strand_id 
_pdbx_nonpoly_scheme.pdb_ins_code 
B 2 HOH 1  9  1  HOH HOH A . 
B 2 HOH 2  10 2  HOH HOH A . 
B 2 HOH 3  11 3  HOH HOH A . 
B 2 HOH 4  12 4  HOH HOH A . 
B 2 HOH 5  13 5  HOH HOH A . 
B 2 HOH 6  14 6  HOH HOH A . 
B 2 HOH 7  15 7  HOH HOH A . 
B 2 HOH 8  16 8  HOH HOH A . 
B 2 HOH 9  17 9  HOH HOH A . 
B 2 HOH 10 18 10 HOH HOH A . 
B 2 HOH 11 19 11 HOH HOH A . 
B 2 HOH 12 20 12 HOH HOH A . 
B 2 HOH 13 21 13 HOH HOH A . 
B 2 HOH 14 22 14 HOH HOH A . 
B 2 HOH 15 23 15 HOH HOH A . 
B 2 HOH 16 24 16 HOH HOH A . 
B 2 HOH 17 25 17 HOH HOH A . 
B 2 HOH 18 26 18 HOH HOH A . 
B 2 HOH 19 27 19 HOH HOH A . 
B 2 HOH 20 28 20 HOH HOH A . 
B 2 HOH 21 29 21 HOH HOH A . 
B 2 HOH 22 30 22 HOH HOH A . 
B 2 HOH 23 31 23 HOH HOH A . 
B 2 HOH 24 32 24 HOH HOH A . 
B 2 HOH 25 33 25 HOH HOH A . 
B 2 HOH 26 34 26 HOH HOH A . 
B 2 HOH 27 35 27 HOH HOH A . 
B 2 HOH 28 36 28 HOH HOH A . 
B 2 HOH 29 37 29 HOH HOH A . 
B 2 HOH 30 38 30 HOH HOH A . 
B 2 HOH 31 39 31 HOH HOH A . 
B 2 HOH 32 40 32 HOH HOH A . 
B 2 HOH 33 41 33 HOH HOH A . 
# 
_pdbx_struct_mod_residue.id               1 
_pdbx_struct_mod_residue.label_asym_id    A 
_pdbx_struct_mod_residue.label_comp_id    BRU 
_pdbx_struct_mod_residue.label_seq_id     4 
_pdbx_struct_mod_residue.auth_asym_id     A 
_pdbx_struct_mod_residue.auth_comp_id     BRU 
_pdbx_struct_mod_residue.auth_seq_id      4 
_pdbx_struct_mod_residue.PDB_ins_code     ? 
_pdbx_struct_mod_residue.parent_comp_id   DU 
_pdbx_struct_mod_residue.details          ? 
# 
_pdbx_struct_assembly.id                   1 
_pdbx_struct_assembly.details              author_defined_assembly 
_pdbx_struct_assembly.method_details       ? 
_pdbx_struct_assembly.oligomeric_details   dimeric 
_pdbx_struct_assembly.oligomeric_count     2 
# 
_pdbx_struct_assembly_gen.assembly_id       1 
_pdbx_struct_assembly_gen.oper_expression   1,2 
_pdbx_struct_assembly_gen.asym_id_list      A,B 
# 
loop_
_pdbx_struct_oper_list.id 
_pdbx_struct_oper_list.type 
_pdbx_struct_oper_list.name 
_pdbx_struct_oper_list.symmetry_operation 
_pdbx_struct_oper_list.matrix[1][1] 
_pdbx_struct_oper_list.matrix[1][2] 
_pdbx_struct_oper_list.matrix[1][3] 
_pdbx_struct_oper_list.vector[1] 
_pdbx_struct_oper_list.matrix[2][1] 
_pdbx_struct_oper_list.matrix[2][2] 
_pdbx_struct_oper_list.matrix[2][3] 
_pdbx_struct_oper_list.vector[2] 
_pdbx_struct_oper_list.matrix[3][1] 
_pdbx_struct_oper_list.matrix[3][2] 
_pdbx_struct_oper_list.matrix[3][3] 
_pdbx_struct_oper_list.vector[3] 
1 'identity operation'         1_555 x,y,z    1.0000000000  0.0000000000 0.0000000000  0.0000000000 0.0000000000 1.0000000000  0.0000000000  0.0000000000  0.0000000000  0.0000000000  1.0000000000  0.0000000000  
2 'crystal symmetry operation' 7_556 y,x,-z+1 -0.8867489847 0.3252948173 -0.3284197313 3.7681629795 0.3252948173 -0.0656444188 -0.9433313798 -2.3697890549 -0.3284197313 -0.9433313798 -0.0476065964 -1.0478414720 
# 
loop_
_pdbx_audit_revision_history.ordinal 
_pdbx_audit_revision_history.data_content_type 
_pdbx_audit_revision_history.major_revision 
_pdbx_audit_revision_history.minor_revision 
_pdbx_audit_revision_history.revision_date 
1 'Structure model' 1 0 2006-05-23 
2 'Structure model' 1 1 2008-05-01 
3 'Structure model' 1 2 2011-07-13 
4 'Structure model' 1 3 2023-08-30 
# 
_pdbx_audit_revision_details.ordinal             1 
_pdbx_audit_revision_details.revision_ordinal    1 
_pdbx_audit_revision_details.data_content_type   'Structure model' 
_pdbx_audit_revision_details.provider            repository 
_pdbx_audit_revision_details.type                'Initial release' 
_pdbx_audit_revision_details.description         ? 
_pdbx_audit_revision_details.details             ? 
# 
loop_
_pdbx_audit_revision_group.ordinal 
_pdbx_audit_revision_group.revision_ordinal 
_pdbx_audit_revision_group.data_content_type 
_pdbx_audit_revision_group.group 
1 2 'Structure model' 'Version format compliance' 
2 3 'Structure model' 'Version format compliance' 
3 4 'Structure model' 'Data collection'           
4 4 'Structure model' 'Database references'       
5 4 'Structure model' 'Derived calculations'      
6 4 'Structure model' 'Refinement description'    
# 
loop_
_pdbx_audit_revision_category.ordinal 
_pdbx_audit_revision_category.revision_ordinal 
_pdbx_audit_revision_category.data_content_type 
_pdbx_audit_revision_category.category 
1 4 'Structure model' chem_comp_atom                
2 4 'Structure model' chem_comp_bond                
3 4 'Structure model' database_2                    
4 4 'Structure model' pdbx_initial_refinement_model 
5 4 'Structure model' struct_conn                   
# 
loop_
_pdbx_audit_revision_item.ordinal 
_pdbx_audit_revision_item.revision_ordinal 
_pdbx_audit_revision_item.data_content_type 
_pdbx_audit_revision_item.item 
1 4 'Structure model' '_database_2.pdbx_DOI'                
2 4 'Structure model' '_database_2.pdbx_database_accession' 
3 4 'Structure model' '_struct_conn.pdbx_leaving_atom_flag' 
# 
loop_
_software.name 
_software.classification 
_software.version 
_software.citation_id 
_software.pdbx_ordinal 
CNS      refinement        1.1 ? 1 
CBASS    'data collection' .   ? 2 
HKL-2000 'data scaling'    .   ? 3 
CNS      phasing           .   ? 4 
# 
loop_
_pdbx_validate_rmsd_bond.id 
_pdbx_validate_rmsd_bond.PDB_model_num 
_pdbx_validate_rmsd_bond.auth_atom_id_1 
_pdbx_validate_rmsd_bond.auth_asym_id_1 
_pdbx_validate_rmsd_bond.auth_comp_id_1 
_pdbx_validate_rmsd_bond.auth_seq_id_1 
_pdbx_validate_rmsd_bond.PDB_ins_code_1 
_pdbx_validate_rmsd_bond.label_alt_id_1 
_pdbx_validate_rmsd_bond.auth_atom_id_2 
_pdbx_validate_rmsd_bond.auth_asym_id_2 
_pdbx_validate_rmsd_bond.auth_comp_id_2 
_pdbx_validate_rmsd_bond.auth_seq_id_2 
_pdbx_validate_rmsd_bond.PDB_ins_code_2 
_pdbx_validate_rmsd_bond.label_alt_id_2 
_pdbx_validate_rmsd_bond.bond_value 
_pdbx_validate_rmsd_bond.bond_target_value 
_pdbx_validate_rmsd_bond.bond_deviation 
_pdbx_validate_rmsd_bond.bond_standard_deviation 
_pdbx_validate_rmsd_bond.linker_flag 
1 1 C5 A DT 2 ? ? C6 A DT 2 ? ? 1.394 1.339 0.055 0.007 N 
2 1 C5 A DC 6 ? ? C6 A DC 6 ? ? 1.399 1.339 0.060 0.008 N 
# 
loop_
_pdbx_validate_rmsd_angle.id 
_pdbx_validate_rmsd_angle.PDB_model_num 
_pdbx_validate_rmsd_angle.auth_atom_id_1 
_pdbx_validate_rmsd_angle.auth_asym_id_1 
_pdbx_validate_rmsd_angle.auth_comp_id_1 
_pdbx_validate_rmsd_angle.auth_seq_id_1 
_pdbx_validate_rmsd_angle.PDB_ins_code_1 
_pdbx_validate_rmsd_angle.label_alt_id_1 
_pdbx_validate_rmsd_angle.auth_atom_id_2 
_pdbx_validate_rmsd_angle.auth_asym_id_2 
_pdbx_validate_rmsd_angle.auth_comp_id_2 
_pdbx_validate_rmsd_angle.auth_seq_id_2 
_pdbx_validate_rmsd_angle.PDB_ins_code_2 
_pdbx_validate_rmsd_angle.label_alt_id_2 
_pdbx_validate_rmsd_angle.auth_atom_id_3 
_pdbx_validate_rmsd_angle.auth_asym_id_3 
_pdbx_validate_rmsd_angle.auth_comp_id_3 
_pdbx_validate_rmsd_angle.auth_seq_id_3 
_pdbx_validate_rmsd_angle.PDB_ins_code_3 
_pdbx_validate_rmsd_angle.label_alt_id_3 
_pdbx_validate_rmsd_angle.angle_value 
_pdbx_validate_rmsd_angle.angle_target_value 
_pdbx_validate_rmsd_angle.angle_deviation 
_pdbx_validate_rmsd_angle.angle_standard_deviation 
_pdbx_validate_rmsd_angle.linker_flag 
1 1 "O4'" A DG 1 ? ? "C1'" A DG 1 ? ? N9 A DG 1 ? ? 100.06 108.00 -7.94 0.70 N 
2 1 "O4'" A DT 2 ? ? "C1'" A DT 2 ? ? N1 A DT 2 ? ? 100.42 108.00 -7.58 0.70 N 
3 1 "O4'" A DG 3 ? ? "C1'" A DG 3 ? ? N9 A DG 3 ? ? 100.27 108.00 -7.73 0.70 N 
# 
loop_
_chem_comp_atom.comp_id 
_chem_comp_atom.atom_id 
_chem_comp_atom.type_symbol 
_chem_comp_atom.pdbx_aromatic_flag 
_chem_comp_atom.pdbx_stereo_config 
_chem_comp_atom.pdbx_ordinal 
BRU N1     N  N N 1   
BRU C2     C  N N 2   
BRU N3     N  N N 3   
BRU C4     C  N N 4   
BRU C5     C  N N 5   
BRU C6     C  N N 6   
BRU O2     O  N N 7   
BRU O4     O  N N 8   
BRU BR     BR N N 9   
BRU "C1'"  C  N R 10  
BRU "C2'"  C  N N 11  
BRU "C3'"  C  N S 12  
BRU "C4'"  C  N R 13  
BRU "O3'"  O  N N 14  
BRU "O4'"  O  N N 15  
BRU "C5'"  C  N N 16  
BRU "O5'"  O  N N 17  
BRU P      P  N N 18  
BRU OP1    O  N N 19  
BRU OP2    O  N N 20  
BRU OP3    O  N N 21  
BRU HN3    H  N N 22  
BRU H6     H  N N 23  
BRU "H1'"  H  N N 24  
BRU "H2'"  H  N N 25  
BRU "H2''" H  N N 26  
BRU "H3'"  H  N N 27  
BRU "H4'"  H  N N 28  
BRU "HO3'" H  N N 29  
BRU "H5'"  H  N N 30  
BRU "H5''" H  N N 31  
BRU HOP2   H  N N 32  
BRU HOP3   H  N N 33  
DA  OP3    O  N N 34  
DA  P      P  N N 35  
DA  OP1    O  N N 36  
DA  OP2    O  N N 37  
DA  "O5'"  O  N N 38  
DA  "C5'"  C  N N 39  
DA  "C4'"  C  N R 40  
DA  "O4'"  O  N N 41  
DA  "C3'"  C  N S 42  
DA  "O3'"  O  N N 43  
DA  "C2'"  C  N N 44  
DA  "C1'"  C  N R 45  
DA  N9     N  Y N 46  
DA  C8     C  Y N 47  
DA  N7     N  Y N 48  
DA  C5     C  Y N 49  
DA  C6     C  Y N 50  
DA  N6     N  N N 51  
DA  N1     N  Y N 52  
DA  C2     C  Y N 53  
DA  N3     N  Y N 54  
DA  C4     C  Y N 55  
DA  HOP3   H  N N 56  
DA  HOP2   H  N N 57  
DA  "H5'"  H  N N 58  
DA  "H5''" H  N N 59  
DA  "H4'"  H  N N 60  
DA  "H3'"  H  N N 61  
DA  "HO3'" H  N N 62  
DA  "H2'"  H  N N 63  
DA  "H2''" H  N N 64  
DA  "H1'"  H  N N 65  
DA  H8     H  N N 66  
DA  H61    H  N N 67  
DA  H62    H  N N 68  
DA  H2     H  N N 69  
DC  OP3    O  N N 70  
DC  P      P  N N 71  
DC  OP1    O  N N 72  
DC  OP2    O  N N 73  
DC  "O5'"  O  N N 74  
DC  "C5'"  C  N N 75  
DC  "C4'"  C  N R 76  
DC  "O4'"  O  N N 77  
DC  "C3'"  C  N S 78  
DC  "O3'"  O  N N 79  
DC  "C2'"  C  N N 80  
DC  "C1'"  C  N R 81  
DC  N1     N  N N 82  
DC  C2     C  N N 83  
DC  O2     O  N N 84  
DC  N3     N  N N 85  
DC  C4     C  N N 86  
DC  N4     N  N N 87  
DC  C5     C  N N 88  
DC  C6     C  N N 89  
DC  HOP3   H  N N 90  
DC  HOP2   H  N N 91  
DC  "H5'"  H  N N 92  
DC  "H5''" H  N N 93  
DC  "H4'"  H  N N 94  
DC  "H3'"  H  N N 95  
DC  "HO3'" H  N N 96  
DC  "H2'"  H  N N 97  
DC  "H2''" H  N N 98  
DC  "H1'"  H  N N 99  
DC  H41    H  N N 100 
DC  H42    H  N N 101 
DC  H5     H  N N 102 
DC  H6     H  N N 103 
DG  OP3    O  N N 104 
DG  P      P  N N 105 
DG  OP1    O  N N 106 
DG  OP2    O  N N 107 
DG  "O5'"  O  N N 108 
DG  "C5'"  C  N N 109 
DG  "C4'"  C  N R 110 
DG  "O4'"  O  N N 111 
DG  "C3'"  C  N S 112 
DG  "O3'"  O  N N 113 
DG  "C2'"  C  N N 114 
DG  "C1'"  C  N R 115 
DG  N9     N  Y N 116 
DG  C8     C  Y N 117 
DG  N7     N  Y N 118 
DG  C5     C  Y N 119 
DG  C6     C  N N 120 
DG  O6     O  N N 121 
DG  N1     N  N N 122 
DG  C2     C  N N 123 
DG  N2     N  N N 124 
DG  N3     N  N N 125 
DG  C4     C  Y N 126 
DG  HOP3   H  N N 127 
DG  HOP2   H  N N 128 
DG  "H5'"  H  N N 129 
DG  "H5''" H  N N 130 
DG  "H4'"  H  N N 131 
DG  "H3'"  H  N N 132 
DG  "HO3'" H  N N 133 
DG  "H2'"  H  N N 134 
DG  "H2''" H  N N 135 
DG  "H1'"  H  N N 136 
DG  H8     H  N N 137 
DG  H1     H  N N 138 
DG  H21    H  N N 139 
DG  H22    H  N N 140 
DT  OP3    O  N N 141 
DT  P      P  N N 142 
DT  OP1    O  N N 143 
DT  OP2    O  N N 144 
DT  "O5'"  O  N N 145 
DT  "C5'"  C  N N 146 
DT  "C4'"  C  N R 147 
DT  "O4'"  O  N N 148 
DT  "C3'"  C  N S 149 
DT  "O3'"  O  N N 150 
DT  "C2'"  C  N N 151 
DT  "C1'"  C  N R 152 
DT  N1     N  N N 153 
DT  C2     C  N N 154 
DT  O2     O  N N 155 
DT  N3     N  N N 156 
DT  C4     C  N N 157 
DT  O4     O  N N 158 
DT  C5     C  N N 159 
DT  C7     C  N N 160 
DT  C6     C  N N 161 
DT  HOP3   H  N N 162 
DT  HOP2   H  N N 163 
DT  "H5'"  H  N N 164 
DT  "H5''" H  N N 165 
DT  "H4'"  H  N N 166 
DT  "H3'"  H  N N 167 
DT  "HO3'" H  N N 168 
DT  "H2'"  H  N N 169 
DT  "H2''" H  N N 170 
DT  "H1'"  H  N N 171 
DT  H3     H  N N 172 
DT  H71    H  N N 173 
DT  H72    H  N N 174 
DT  H73    H  N N 175 
DT  H6     H  N N 176 
HOH O      O  N N 177 
HOH H1     H  N N 178 
HOH H2     H  N N 179 
# 
loop_
_chem_comp_bond.comp_id 
_chem_comp_bond.atom_id_1 
_chem_comp_bond.atom_id_2 
_chem_comp_bond.value_order 
_chem_comp_bond.pdbx_aromatic_flag 
_chem_comp_bond.pdbx_stereo_config 
_chem_comp_bond.pdbx_ordinal 
BRU N1    C2     sing N N 1   
BRU N1    C6     sing N N 2   
BRU N1    "C1'"  sing N N 3   
BRU C2    N3     sing N N 4   
BRU C2    O2     doub N N 5   
BRU N3    C4     sing N N 6   
BRU N3    HN3    sing N N 7   
BRU C4    C5     sing N N 8   
BRU C4    O4     doub N N 9   
BRU C5    C6     doub N N 10  
BRU C5    BR     sing N N 11  
BRU C6    H6     sing N N 12  
BRU "C1'" "C2'"  sing N N 13  
BRU "C1'" "O4'"  sing N N 14  
BRU "C1'" "H1'"  sing N N 15  
BRU "C2'" "C3'"  sing N N 16  
BRU "C2'" "H2'"  sing N N 17  
BRU "C2'" "H2''" sing N N 18  
BRU "C3'" "C4'"  sing N N 19  
BRU "C3'" "O3'"  sing N N 20  
BRU "C3'" "H3'"  sing N N 21  
BRU "C4'" "O4'"  sing N N 22  
BRU "C4'" "C5'"  sing N N 23  
BRU "C4'" "H4'"  sing N N 24  
BRU "O3'" "HO3'" sing N N 25  
BRU "C5'" "O5'"  sing N N 26  
BRU "C5'" "H5'"  sing N N 27  
BRU "C5'" "H5''" sing N N 28  
BRU "O5'" P      sing N N 29  
BRU P     OP1    doub N N 30  
BRU P     OP2    sing N N 31  
BRU P     OP3    sing N N 32  
BRU OP2   HOP2   sing N N 33  
BRU OP3   HOP3   sing N N 34  
DA  OP3   P      sing N N 35  
DA  OP3   HOP3   sing N N 36  
DA  P     OP1    doub N N 37  
DA  P     OP2    sing N N 38  
DA  P     "O5'"  sing N N 39  
DA  OP2   HOP2   sing N N 40  
DA  "O5'" "C5'"  sing N N 41  
DA  "C5'" "C4'"  sing N N 42  
DA  "C5'" "H5'"  sing N N 43  
DA  "C5'" "H5''" sing N N 44  
DA  "C4'" "O4'"  sing N N 45  
DA  "C4'" "C3'"  sing N N 46  
DA  "C4'" "H4'"  sing N N 47  
DA  "O4'" "C1'"  sing N N 48  
DA  "C3'" "O3'"  sing N N 49  
DA  "C3'" "C2'"  sing N N 50  
DA  "C3'" "H3'"  sing N N 51  
DA  "O3'" "HO3'" sing N N 52  
DA  "C2'" "C1'"  sing N N 53  
DA  "C2'" "H2'"  sing N N 54  
DA  "C2'" "H2''" sing N N 55  
DA  "C1'" N9     sing N N 56  
DA  "C1'" "H1'"  sing N N 57  
DA  N9    C8     sing Y N 58  
DA  N9    C4     sing Y N 59  
DA  C8    N7     doub Y N 60  
DA  C8    H8     sing N N 61  
DA  N7    C5     sing Y N 62  
DA  C5    C6     sing Y N 63  
DA  C5    C4     doub Y N 64  
DA  C6    N6     sing N N 65  
DA  C6    N1     doub Y N 66  
DA  N6    H61    sing N N 67  
DA  N6    H62    sing N N 68  
DA  N1    C2     sing Y N 69  
DA  C2    N3     doub Y N 70  
DA  C2    H2     sing N N 71  
DA  N3    C4     sing Y N 72  
DC  OP3   P      sing N N 73  
DC  OP3   HOP3   sing N N 74  
DC  P     OP1    doub N N 75  
DC  P     OP2    sing N N 76  
DC  P     "O5'"  sing N N 77  
DC  OP2   HOP2   sing N N 78  
DC  "O5'" "C5'"  sing N N 79  
DC  "C5'" "C4'"  sing N N 80  
DC  "C5'" "H5'"  sing N N 81  
DC  "C5'" "H5''" sing N N 82  
DC  "C4'" "O4'"  sing N N 83  
DC  "C4'" "C3'"  sing N N 84  
DC  "C4'" "H4'"  sing N N 85  
DC  "O4'" "C1'"  sing N N 86  
DC  "C3'" "O3'"  sing N N 87  
DC  "C3'" "C2'"  sing N N 88  
DC  "C3'" "H3'"  sing N N 89  
DC  "O3'" "HO3'" sing N N 90  
DC  "C2'" "C1'"  sing N N 91  
DC  "C2'" "H2'"  sing N N 92  
DC  "C2'" "H2''" sing N N 93  
DC  "C1'" N1     sing N N 94  
DC  "C1'" "H1'"  sing N N 95  
DC  N1    C2     sing N N 96  
DC  N1    C6     sing N N 97  
DC  C2    O2     doub N N 98  
DC  C2    N3     sing N N 99  
DC  N3    C4     doub N N 100 
DC  C4    N4     sing N N 101 
DC  C4    C5     sing N N 102 
DC  N4    H41    sing N N 103 
DC  N4    H42    sing N N 104 
DC  C5    C6     doub N N 105 
DC  C5    H5     sing N N 106 
DC  C6    H6     sing N N 107 
DG  OP3   P      sing N N 108 
DG  OP3   HOP3   sing N N 109 
DG  P     OP1    doub N N 110 
DG  P     OP2    sing N N 111 
DG  P     "O5'"  sing N N 112 
DG  OP2   HOP2   sing N N 113 
DG  "O5'" "C5'"  sing N N 114 
DG  "C5'" "C4'"  sing N N 115 
DG  "C5'" "H5'"  sing N N 116 
DG  "C5'" "H5''" sing N N 117 
DG  "C4'" "O4'"  sing N N 118 
DG  "C4'" "C3'"  sing N N 119 
DG  "C4'" "H4'"  sing N N 120 
DG  "O4'" "C1'"  sing N N 121 
DG  "C3'" "O3'"  sing N N 122 
DG  "C3'" "C2'"  sing N N 123 
DG  "C3'" "H3'"  sing N N 124 
DG  "O3'" "HO3'" sing N N 125 
DG  "C2'" "C1'"  sing N N 126 
DG  "C2'" "H2'"  sing N N 127 
DG  "C2'" "H2''" sing N N 128 
DG  "C1'" N9     sing N N 129 
DG  "C1'" "H1'"  sing N N 130 
DG  N9    C8     sing Y N 131 
DG  N9    C4     sing Y N 132 
DG  C8    N7     doub Y N 133 
DG  C8    H8     sing N N 134 
DG  N7    C5     sing Y N 135 
DG  C5    C6     sing N N 136 
DG  C5    C4     doub Y N 137 
DG  C6    O6     doub N N 138 
DG  C6    N1     sing N N 139 
DG  N1    C2     sing N N 140 
DG  N1    H1     sing N N 141 
DG  C2    N2     sing N N 142 
DG  C2    N3     doub N N 143 
DG  N2    H21    sing N N 144 
DG  N2    H22    sing N N 145 
DG  N3    C4     sing N N 146 
DT  OP3   P      sing N N 147 
DT  OP3   HOP3   sing N N 148 
DT  P     OP1    doub N N 149 
DT  P     OP2    sing N N 150 
DT  P     "O5'"  sing N N 151 
DT  OP2   HOP2   sing N N 152 
DT  "O5'" "C5'"  sing N N 153 
DT  "C5'" "C4'"  sing N N 154 
DT  "C5'" "H5'"  sing N N 155 
DT  "C5'" "H5''" sing N N 156 
DT  "C4'" "O4'"  sing N N 157 
DT  "C4'" "C3'"  sing N N 158 
DT  "C4'" "H4'"  sing N N 159 
DT  "O4'" "C1'"  sing N N 160 
DT  "C3'" "O3'"  sing N N 161 
DT  "C3'" "C2'"  sing N N 162 
DT  "C3'" "H3'"  sing N N 163 
DT  "O3'" "HO3'" sing N N 164 
DT  "C2'" "C1'"  sing N N 165 
DT  "C2'" "H2'"  sing N N 166 
DT  "C2'" "H2''" sing N N 167 
DT  "C1'" N1     sing N N 168 
DT  "C1'" "H1'"  sing N N 169 
DT  N1    C2     sing N N 170 
DT  N1    C6     sing N N 171 
DT  C2    O2     doub N N 172 
DT  C2    N3     sing N N 173 
DT  N3    C4     sing N N 174 
DT  N3    H3     sing N N 175 
DT  C4    O4     doub N N 176 
DT  C4    C5     sing N N 177 
DT  C5    C7     sing N N 178 
DT  C5    C6     doub N N 179 
DT  C7    H71    sing N N 180 
DT  C7    H72    sing N N 181 
DT  C7    H73    sing N N 182 
DT  C6    H6     sing N N 183 
HOH O     H1     sing N N 184 
HOH O     H2     sing N N 185 
# 
_ndb_struct_conf_na.entry_id   2H05 
_ndb_struct_conf_na.feature    'a-form double helix' 
# 
loop_
_ndb_struct_na_base_pair.model_number 
_ndb_struct_na_base_pair.i_label_asym_id 
_ndb_struct_na_base_pair.i_label_comp_id 
_ndb_struct_na_base_pair.i_label_seq_id 
_ndb_struct_na_base_pair.i_symmetry 
_ndb_struct_na_base_pair.j_label_asym_id 
_ndb_struct_na_base_pair.j_label_comp_id 
_ndb_struct_na_base_pair.j_label_seq_id 
_ndb_struct_na_base_pair.j_symmetry 
_ndb_struct_na_base_pair.shear 
_ndb_struct_na_base_pair.stretch 
_ndb_struct_na_base_pair.stagger 
_ndb_struct_na_base_pair.buckle 
_ndb_struct_na_base_pair.propeller 
_ndb_struct_na_base_pair.opening 
_ndb_struct_na_base_pair.pair_number 
_ndb_struct_na_base_pair.pair_name 
_ndb_struct_na_base_pair.i_auth_asym_id 
_ndb_struct_na_base_pair.i_auth_seq_id 
_ndb_struct_na_base_pair.i_PDB_ins_code 
_ndb_struct_na_base_pair.j_auth_asym_id 
_ndb_struct_na_base_pair.j_auth_seq_id 
_ndb_struct_na_base_pair.j_PDB_ins_code 
_ndb_struct_na_base_pair.hbond_type_28 
_ndb_struct_na_base_pair.hbond_type_12 
1 A DG  1 1_555 A DC  8 7_556 -0.260 -0.148 -0.177 -15.589 -8.929  -3.969 1 A_DG1:DC8_A  A 1 ? A 8 ? 19 1 
1 A DT  2 1_555 A DA  7 7_556 0.043  -0.145 -0.006 -2.194  -8.738  3.849  2 A_DT2:DA7_A  A 2 ? A 7 ? 20 1 
1 A DG  3 1_555 A DC  6 7_556 -0.281 -0.181 0.103  -7.436  -13.928 3.349  3 A_DG3:DC6_A  A 3 ? A 6 ? 19 1 
1 A BRU 4 1_555 A DA  5 7_556 0.057  -0.094 0.314  -2.498  -9.630  -3.112 4 A_BRU4:DA5_A A 4 ? A 5 ? 20 1 
1 A DA  5 1_555 A BRU 4 7_556 -0.057 -0.094 0.314  2.498   -9.630  -3.112 5 A_DA5:BRU4_A A 5 ? A 4 ? 20 1 
1 A DC  6 1_555 A DG  3 7_556 0.281  -0.181 0.103  7.436   -13.928 3.349  6 A_DC6:DG3_A  A 6 ? A 3 ? 19 1 
1 A DA  7 1_555 A DT  2 7_556 -0.043 -0.145 -0.006 2.194   -8.738  3.849  7 A_DA7:DT2_A  A 7 ? A 2 ? 20 1 
1 A DC  8 1_555 A DG  1 7_556 0.260  -0.148 -0.177 15.589  -8.929  -3.969 8 A_DC8:DG1_A  A 8 ? A 1 ? 19 1 
# 
loop_
_ndb_struct_na_base_pair_step.model_number 
_ndb_struct_na_base_pair_step.i_label_asym_id_1 
_ndb_struct_na_base_pair_step.i_label_comp_id_1 
_ndb_struct_na_base_pair_step.i_label_seq_id_1 
_ndb_struct_na_base_pair_step.i_symmetry_1 
_ndb_struct_na_base_pair_step.j_label_asym_id_1 
_ndb_struct_na_base_pair_step.j_label_comp_id_1 
_ndb_struct_na_base_pair_step.j_label_seq_id_1 
_ndb_struct_na_base_pair_step.j_symmetry_1 
_ndb_struct_na_base_pair_step.i_label_asym_id_2 
_ndb_struct_na_base_pair_step.i_label_comp_id_2 
_ndb_struct_na_base_pair_step.i_label_seq_id_2 
_ndb_struct_na_base_pair_step.i_symmetry_2 
_ndb_struct_na_base_pair_step.j_label_asym_id_2 
_ndb_struct_na_base_pair_step.j_label_comp_id_2 
_ndb_struct_na_base_pair_step.j_label_seq_id_2 
_ndb_struct_na_base_pair_step.j_symmetry_2 
_ndb_struct_na_base_pair_step.shift 
_ndb_struct_na_base_pair_step.slide 
_ndb_struct_na_base_pair_step.rise 
_ndb_struct_na_base_pair_step.tilt 
_ndb_struct_na_base_pair_step.roll 
_ndb_struct_na_base_pair_step.twist 
_ndb_struct_na_base_pair_step.x_displacement 
_ndb_struct_na_base_pair_step.y_displacement 
_ndb_struct_na_base_pair_step.helical_rise 
_ndb_struct_na_base_pair_step.inclination 
_ndb_struct_na_base_pair_step.tip 
_ndb_struct_na_base_pair_step.helical_twist 
_ndb_struct_na_base_pair_step.step_number 
_ndb_struct_na_base_pair_step.step_name 
_ndb_struct_na_base_pair_step.i_auth_asym_id_1 
_ndb_struct_na_base_pair_step.i_auth_seq_id_1 
_ndb_struct_na_base_pair_step.i_PDB_ins_code_1 
_ndb_struct_na_base_pair_step.j_auth_asym_id_1 
_ndb_struct_na_base_pair_step.j_auth_seq_id_1 
_ndb_struct_na_base_pair_step.j_PDB_ins_code_1 
_ndb_struct_na_base_pair_step.i_auth_asym_id_2 
_ndb_struct_na_base_pair_step.i_auth_seq_id_2 
_ndb_struct_na_base_pair_step.i_PDB_ins_code_2 
_ndb_struct_na_base_pair_step.j_auth_asym_id_2 
_ndb_struct_na_base_pair_step.j_auth_seq_id_2 
_ndb_struct_na_base_pair_step.j_PDB_ins_code_2 
1 A DG  1 1_555 A DC  8 7_556 A DT  2 1_555 A DA  7 7_556 0.458  -1.202 3.063 -0.227 11.328 30.725 -3.847 -0.848 2.473 20.523 
0.411  32.700 1 AA_DG1DT2:DA7DC8_AA   A 1 ? A 8 ? A 2 ? A 7 ? 
1 A DT  2 1_555 A DA  7 7_556 A DG  3 1_555 A DC  6 7_556 0.326  -1.431 3.329 -0.183 8.569  30.127 -4.206 -0.638 2.823 16.080 
0.343  31.295 2 AA_DT2DG3:DC6DA7_AA   A 2 ? A 7 ? A 3 ? A 6 ? 
1 A DG  3 1_555 A DC  6 7_556 A BRU 4 1_555 A DA  5 7_556 -0.456 -1.442 3.094 -0.781 3.887  36.448 -2.785 0.626  2.939 6.192  
1.244  36.656 3 AA_DG3BRU4:DA5DC6_AA  A 3 ? A 6 ? A 4 ? A 5 ? 
1 A BRU 4 1_555 A DA  5 7_556 A DA  5 1_555 A BRU 4 7_556 0.000  -1.416 3.005 0.000  4.816  28.445 -3.791 0.000  2.734 9.712  
0.000  28.841 4 AA_BRU4DA5:BRU4DA5_AA A 4 ? A 5 ? A 5 ? A 4 ? 
1 A DA  5 1_555 A BRU 4 7_556 A DC  6 1_555 A DG  3 7_556 0.456  -1.442 3.094 0.781  3.887  36.448 -2.785 -0.626 2.939 6.192  
-1.244 36.656 5 AA_DA5DC6:DG3BRU4_AA  A 5 ? A 4 ? A 6 ? A 3 ? 
1 A DC  6 1_555 A DG  3 7_556 A DA  7 1_555 A DT  2 7_556 -0.326 -1.431 3.329 0.183  8.569  30.127 -4.206 0.638  2.823 16.080 
-0.343 31.295 6 AA_DC6DA7:DT2DG3_AA   A 6 ? A 3 ? A 7 ? A 2 ? 
1 A DA  7 1_555 A DT  2 7_556 A DC  8 1_555 A DG  1 7_556 -0.458 -1.202 3.063 0.227  11.328 30.725 -3.847 0.848  2.473 20.523 
-0.411 32.700 7 AA_DA7DC8:DG1DT2_AA   A 7 ? A 2 ? A 8 ? A 1 ? 
# 
_pdbx_entity_nonpoly.entity_id   2 
_pdbx_entity_nonpoly.name        water 
_pdbx_entity_nonpoly.comp_id     HOH 
# 
_pdbx_initial_refinement_model.id               1 
_pdbx_initial_refinement_model.entity_id_list   ? 
_pdbx_initial_refinement_model.type             'experimental model' 
_pdbx_initial_refinement_model.source_name      PDB 
_pdbx_initial_refinement_model.accession_code   1Z7I 
_pdbx_initial_refinement_model.details          'pdb entry 1Z7I' 
# 
